data_2MBJ
#
_entry.id   2MBJ
#
_entity_poly.entity_id   1
_entity_poly.type   'polydeoxyribonucleotide'
_entity_poly.pdbx_seq_one_letter_code
;(DT)(DT)(DA)(DG)(DG)(DG)(DT)(DT)(DA)(DG)(DG)(DG)(DT)(DT)(DA)(DG)(DG)(DG)(DT)(DT)
(DA)(BGM)(DG)(DG)(DT)(DT)(DA)
;
_entity_poly.pdbx_strand_id   A
#
loop_
_chem_comp.id
_chem_comp.type
_chem_comp.name
_chem_comp.formula
BGM DNA linking 8-BROMO-2'-DEOXYGUANOSINE-5'-MONOPHOSPHATE 'C10 H13 Br N5 O7 P'
DA DNA linking 2'-DEOXYADENOSINE-5'-MONOPHOSPHATE 'C10 H14 N5 O6 P'
DG DNA linking 2'-DEOXYGUANOSINE-5'-MONOPHOSPHATE 'C10 H14 N5 O7 P'
DT DNA linking THYMIDINE-5'-MONOPHOSPHATE 'C10 H15 N2 O8 P'
#
# COMPACT_ATOMS: atom_id res chain seq x y z
P BGM A 22 2.83 -2.19 0.02
OP1 BGM A 22 3.68 -2.61 -1.10
OP2 BGM A 22 3.34 -1.27 1.06
O5' BGM A 22 1.47 -1.55 -0.58
C5' BGM A 22 0.56 -2.36 -1.34
C4' BGM A 22 -0.69 -1.58 -1.71
O4' BGM A 22 -1.27 -1.02 -0.52
C1' BGM A 22 -1.70 0.31 -0.81
N9 BGM A 22 -1.68 1.08 0.43
C8 BGM A 22 -2.74 1.72 1.03
N7 BGM A 22 -2.38 2.38 2.12
C5 BGM A 22 -1.01 2.15 2.22
C4 BGM A 22 -0.58 1.36 1.20
N3 BGM A 22 0.68 0.91 0.97
C2 BGM A 22 1.55 1.34 1.89
N2 BGM A 22 2.83 0.98 1.82
N1 BGM A 22 1.19 2.14 2.96
C6 BGM A 22 -0.09 2.61 3.21
O6 BGM A 22 -0.30 3.33 4.18
C2' BGM A 22 -0.74 0.83 -1.88
C3' BGM A 22 -0.44 -0.42 -2.68
O3' BGM A 22 -1.35 -0.52 -3.79
BR BGM A 22 -4.51 1.70 0.41
H5' BGM A 22 0.28 -3.23 -0.74
H5'' BGM A 22 1.05 -2.70 -2.24
H4' BGM A 22 -1.42 -2.27 -2.15
H1' BGM A 22 -2.71 0.28 -1.23
H21 BGM A 22 3.48 1.30 2.52
H22 BGM A 22 3.15 0.39 1.06
H1 BGM A 22 1.91 2.43 3.61
H2' BGM A 22 0.18 1.18 -1.39
H2'' BGM A 22 -1.30 1.68 -2.27
H3' BGM A 22 0.59 -0.44 -3.03
P BGM A 22 2.72 -2.78 -0.38
OP1 BGM A 22 2.86 -3.80 -1.45
OP2 BGM A 22 3.62 -1.60 -0.38
O5' BGM A 22 1.20 -2.26 -0.38
C5' BGM A 22 0.14 -3.07 -0.88
C4' BGM A 22 -1.04 -2.23 -1.32
O4' BGM A 22 -1.53 -1.46 -0.22
C1' BGM A 22 -1.79 -0.14 -0.67
N9 BGM A 22 -1.65 0.77 0.49
C8 BGM A 22 -2.63 1.55 1.06
N7 BGM A 22 -2.16 2.28 2.06
C5 BGM A 22 -0.82 1.96 2.14
C4 BGM A 22 -0.49 1.03 1.17
N3 BGM A 22 0.72 0.47 0.93
C2 BGM A 22 1.66 0.92 1.77
N2 BGM A 22 2.91 0.47 1.67
N1 BGM A 22 1.42 1.85 2.75
C6 BGM A 22 0.19 2.43 3.02
O6 BGM A 22 0.07 3.25 3.94
C2' BGM A 22 -0.81 0.13 -1.79
C3' BGM A 22 -0.71 -1.24 -2.45
O3' BGM A 22 -1.70 -1.35 -3.48
BR BGM A 22 -4.42 1.59 0.51
H5' BGM A 22 -0.18 -3.77 -0.10
H5'' BGM A 22 0.50 -3.65 -1.73
H4' BGM A 22 -1.84 -2.88 -1.66
H1' BGM A 22 -2.81 -0.08 -1.05
H21 BGM A 22 3.62 0.81 2.30
H22 BGM A 22 3.15 -0.21 0.96
H1 BGM A 22 2.19 2.14 3.35
H2' BGM A 22 0.17 0.39 -1.37
H2'' BGM A 22 -1.26 1.01 -2.25
H3' BGM A 22 0.29 -1.43 -2.84
P BGM A 22 2.51 -2.53 0.04
OP1 BGM A 22 3.36 -3.03 -1.07
OP2 BGM A 22 3.05 -1.57 1.01
O5' BGM A 22 1.18 -1.90 -0.60
C5' BGM A 22 0.27 -2.71 -1.35
C4' BGM A 22 -0.96 -1.93 -1.77
O4' BGM A 22 -1.57 -1.33 -0.61
C1' BGM A 22 -1.85 0.04 -0.91
N9 BGM A 22 -1.81 0.81 0.35
C8 BGM A 22 -2.85 1.46 0.96
N7 BGM A 22 -2.46 2.12 2.04
C5 BGM A 22 -1.10 1.88 2.11
C4 BGM A 22 -0.68 1.08 1.08
N3 BGM A 22 0.57 0.62 0.82
C2 BGM A 22 1.46 1.05 1.72
N2 BGM A 22 2.73 0.68 1.61
N1 BGM A 22 1.13 1.86 2.78
C6 BGM A 22 -0.14 2.34 3.07
O6 BGM A 22 -0.33 3.06 4.04
C2' BGM A 22 -0.83 0.47 -1.94
C3' BGM A 22 -0.66 -0.80 -2.76
O3' BGM A 22 -1.62 -0.82 -3.82
BR BGM A 22 -4.63 1.44 0.38
H5' BGM A 22 -0.05 -3.56 -0.74
H5'' BGM A 22 0.77 -3.09 -2.24
H4' BGM A 22 -1.69 -2.61 -2.22
H1' BGM A 22 -2.85 0.11 -1.35
H21 BGM A 22 3.41 1.01 2.29
H22 BGM A 22 3.03 0.09 0.85
H1 BGM A 22 1.87 2.15 3.42
H2' BGM A 22 0.11 0.70 -1.44
H2'' BGM A 22 -1.32 1.40 -2.28
H3' BGM A 22 0.36 -0.88 -3.15
P BGM A 22 2.55 -2.56 -0.20
OP1 BGM A 22 3.34 -3.03 -1.36
OP2 BGM A 22 3.17 -1.67 0.79
O5' BGM A 22 1.22 -1.84 -0.77
C5' BGM A 22 0.23 -2.60 -1.47
C4' BGM A 22 -0.99 -1.75 -1.80
O4' BGM A 22 -1.51 -1.17 -0.60
C1' BGM A 22 -1.80 0.20 -0.85
N9 BGM A 22 -1.66 0.94 0.42
C8 BGM A 22 -2.64 1.62 1.10
N7 BGM A 22 -2.17 2.23 2.17
C5 BGM A 22 -0.82 1.93 2.19
C4 BGM A 22 -0.50 1.13 1.12
N3 BGM A 22 0.72 0.63 0.78
C2 BGM A 22 1.66 0.98 1.66
N2 BGM A 22 2.91 0.56 1.48
N1 BGM A 22 1.43 1.77 2.76
C6 BGM A 22 0.20 2.30 3.11
O6 BGM A 22 0.08 3.00 4.12
C2' BGM A 22 -0.84 0.66 -1.93
C3' BGM A 22 -0.70 -0.60 -2.78
O3' BGM A 22 -1.69 -0.59 -3.81
BR BGM A 22 -4.46 1.70 0.59
H5' BGM A 22 -0.08 -3.44 -0.86
H5'' BGM A 22 0.67 -2.97 -2.40
H4' BGM A 22 -1.76 -2.39 -2.24
H1' BGM A 22 -2.83 0.30 -1.22
H21 BGM A 22 3.63 0.83 2.15
H22 BGM A 22 3.15 -0.02 0.69
H1 BGM A 22 2.20 2.01 3.37
H2' BGM A 22 0.13 0.90 -1.48
H2'' BGM A 22 -1.33 1.57 -2.29
H3' BGM A 22 0.31 -0.69 -3.19
P BGM A 22 2.38 -2.47 -0.10
OP1 BGM A 22 3.22 -2.96 -1.22
OP2 BGM A 22 2.93 -1.52 0.89
O5' BGM A 22 1.04 -1.81 -0.72
C5' BGM A 22 0.09 -2.63 -1.44
C4' BGM A 22 -1.18 -1.86 -1.74
O4' BGM A 22 -1.72 -1.31 -0.53
C1' BGM A 22 -2.12 0.03 -0.78
N9 BGM A 22 -2.03 0.79 0.49
C8 BGM A 22 -3.05 1.42 1.15
N7 BGM A 22 -2.63 2.07 2.22
C5 BGM A 22 -1.25 1.84 2.25
C4 BGM A 22 -0.88 1.05 1.19
N3 BGM A 22 0.36 0.62 0.87
C2 BGM A 22 1.28 1.04 1.74
N2 BGM A 22 2.56 0.69 1.59
N1 BGM A 22 0.99 1.83 2.82
C6 BGM A 22 -0.27 2.29 3.17
O6 BGM A 22 -0.42 2.99 4.16
C2' BGM A 22 -1.19 0.56 -1.86
C3' BGM A 22 -0.97 -0.69 -2.72
O3' BGM A 22 -1.96 -0.75 -3.75
BR BGM A 22 -4.86 1.39 0.64
H5' BGM A 22 -0.16 -3.50 -0.82
H5'' BGM A 22 0.54 -2.97 -2.36
H4' BGM A 22 -1.92 -2.54 -2.16
H1' BGM A 22 -3.14 0.04 -1.13
H21 BGM A 22 3.25 1.00 2.24
H22 BGM A 22 2.83 0.10 0.80
H1 BGM A 22 1.75 2.11 3.44
H2' BGM A 22 -0.24 0.85 -1.41
H2'' BGM A 22 -1.77 1.44 -2.15
H3' BGM A 22 0.04 -0.71 -3.12
P BGM A 22 2.90 -2.16 0.08
OP1 BGM A 22 3.79 -2.55 -1.03
OP2 BGM A 22 3.41 -1.24 1.14
O5' BGM A 22 1.57 -1.51 -0.55
C5' BGM A 22 0.69 -2.30 -1.35
C4' BGM A 22 -0.57 -1.52 -1.72
O4' BGM A 22 -1.15 -0.97 -0.53
C1' BGM A 22 -1.61 0.35 -0.83
N9 BGM A 22 -1.61 1.12 0.42
C8 BGM A 22 -2.68 1.78 0.99
N7 BGM A 22 -2.35 2.43 2.09
C5 BGM A 22 -0.98 2.20 2.23
C4 BGM A 22 -0.52 1.41 1.21
N3 BGM A 22 0.74 0.96 1.00
C2 BGM A 22 1.59 1.40 1.93
N2 BGM A 22 2.88 1.05 1.89
N1 BGM A 22 1.22 2.20 2.99
C6 BGM A 22 -0.07 2.67 3.22
O6 BGM A 22 -0.31 3.38 4.19
C2' BGM A 22 -0.67 0.90 -1.89
C3' BGM A 22 -0.32 -0.36 -2.69
O3' BGM A 22 -1.21 -0.47 -3.81
BR BGM A 22 -4.44 1.73 0.34
H5' BGM A 22 0.40 -3.20 -0.79
H5'' BGM A 22 1.20 -2.59 -2.27
H4' BGM A 22 -1.29 -2.21 -2.16
H1' BGM A 22 -2.62 0.30 -1.23
H21 BGM A 22 3.52 1.37 2.59
H22 BGM A 22 3.21 0.45 1.13
H1 BGM A 22 1.92 2.49 3.65
H2' BGM A 22 0.24 1.27 -1.41
H2'' BGM A 22 -1.25 1.72 -2.31
H3' BGM A 22 0.72 -0.34 -3.01
P BGM A 22 2.75 -2.67 -0.92
OP1 BGM A 22 2.73 -3.75 -1.93
OP2 BGM A 22 3.77 -1.60 -1.01
O5' BGM A 22 1.30 -1.96 -0.91
C5' BGM A 22 0.15 -2.67 -1.39
C4' BGM A 22 -1.00 -1.71 -1.70
O4' BGM A 22 -1.38 -1.01 -0.51
C1' BGM A 22 -1.65 0.34 -0.87
N9 BGM A 22 -1.46 1.17 0.34
C8 BGM A 22 -2.41 1.93 0.98
N7 BGM A 22 -1.91 2.59 2.02
C5 BGM A 22 -0.57 2.23 2.04
C4 BGM A 22 -0.28 1.35 1.02
N3 BGM A 22 0.91 0.78 0.72
C2 BGM A 22 1.87 1.16 1.56
N2 BGM A 22 3.11 0.68 1.41
N1 BGM A 22 1.68 2.03 2.61
C6 BGM A 22 0.46 2.63 2.94
O6 BGM A 22 0.38 3.39 3.89
C2' BGM A 22 -0.70 0.67 -2.01
C3' BGM A 22 -0.64 -0.65 -2.75
O3' BGM A 22 -1.62 -0.67 -3.80
BR BGM A 22 -4.22 2.06 0.48
H5' BGM A 22 -0.19 -3.37 -0.62
H5'' BGM A 22 0.41 -3.22 -2.29
H4' BGM A 22 -1.85 -2.28 -2.06
H1' BGM A 22 -2.68 0.42 -1.21
H21 BGM A 22 3.83 0.96 2.05
H22 BGM A 22 3.32 0.04 0.67
H1 BGM A 22 2.46 2.27 3.21
H2' BGM A 22 0.28 0.91 -1.59
H2'' BGM A 22 -1.17 1.57 -2.43
H3' BGM A 22 0.36 -0.83 -3.15
P BGM A 22 2.44 -3.34 -1.25
OP1 BGM A 22 2.37 -4.46 -2.23
OP2 BGM A 22 3.46 -2.29 -1.41
O5' BGM A 22 1.00 -2.64 -1.18
C5' BGM A 22 -0.18 -3.34 -1.60
C4' BGM A 22 -1.33 -2.39 -1.87
O4' BGM A 22 -1.63 -1.65 -0.67
C1' BGM A 22 -1.87 -0.29 -1.03
N9 BGM A 22 -1.56 0.55 0.13
C8 BGM A 22 -2.42 1.39 0.82
N7 BGM A 22 -1.82 2.02 1.81
C5 BGM A 22 -0.51 1.57 1.77
C4 BGM A 22 -0.34 0.68 0.74
N3 BGM A 22 0.80 0.02 0.38
C2 BGM A 22 1.83 0.35 1.17
N2 BGM A 22 3.03 -0.21 0.96
N1 BGM A 22 1.75 1.24 2.21
C6 BGM A 22 0.60 1.92 2.59
O6 BGM A 22 0.62 2.70 3.54
C2' BGM A 22 -0.99 -0.02 -2.24
C3' BGM A 22 -1.04 -1.36 -2.97
O3' BGM A 22 -2.11 -1.35 -3.91
BR BGM A 22 -4.24 1.61 0.41
H5' BGM A 22 -0.47 -4.05 -0.83
H5'' BGM A 22 0.04 -3.89 -2.52
H4' BGM A 22 -2.22 -2.96 -2.15
H1' BGM A 22 -2.91 -0.16 -1.31
H21 BGM A 22 3.80 0.04 1.54
H22 BGM A 22 3.15 -0.87 0.21
H1 BGM A 22 2.58 1.44 2.76
H2' BGM A 22 0.04 0.17 -1.91
H2'' BGM A 22 -1.44 0.90 -2.60
H3' BGM A 22 -0.09 -1.58 -3.46
P BGM A 22 1.62 -2.04 -0.64
OP1 BGM A 22 2.86 -1.82 -1.43
OP2 BGM A 22 0.81 -0.89 -0.19
O5' BGM A 22 0.65 -3.01 -1.49
C5' BGM A 22 -0.74 -3.12 -1.19
C4' BGM A 22 -1.51 -1.81 -1.44
O4' BGM A 22 -1.73 -1.11 -0.22
C1' BGM A 22 -2.00 0.22 -0.60
N9 BGM A 22 -1.92 1.09 0.60
C8 BGM A 22 -2.97 1.72 1.24
N7 BGM A 22 -2.57 2.43 2.27
C5 BGM A 22 -1.20 2.26 2.31
C4 BGM A 22 -0.79 1.43 1.29
N3 BGM A 22 0.47 1.02 1.01
C2 BGM A 22 1.37 1.52 1.86
N2 BGM A 22 2.65 1.22 1.73
N1 BGM A 22 1.04 2.35 2.90
C6 BGM A 22 -0.24 2.78 3.21
O6 BGM A 22 -0.42 3.54 4.17
C2' BGM A 22 -1.00 0.55 -1.69
C3' BGM A 22 -0.81 -0.81 -2.38
O3' BGM A 22 -1.48 -0.81 -3.64
BR BGM A 22 -4.77 1.59 0.71
H5' BGM A 22 -0.87 -3.41 -0.15
H5'' BGM A 22 -1.17 -3.89 -1.82
H4' BGM A 22 -2.48 -2.06 -1.87
H1' BGM A 22 -3.02 0.28 -1.01
H21 BGM A 22 3.33 1.59 2.36
H22 BGM A 22 2.96 0.61 0.97
H1 BGM A 22 1.78 2.69 3.51
H2' BGM A 22 -0.06 0.86 -1.23
H2'' BGM A 22 -1.51 1.41 -2.12
H3' BGM A 22 0.25 -1.05 -2.49
P BGM A 22 2.81 -2.39 0.00
OP1 BGM A 22 3.66 -2.93 -1.09
OP2 BGM A 22 3.38 -1.49 1.01
O5' BGM A 22 1.54 -1.66 -0.68
C5' BGM A 22 0.56 -2.42 -1.39
C4' BGM A 22 -0.65 -1.57 -1.73
O4' BGM A 22 -1.20 -1.02 -0.54
C1' BGM A 22 -1.67 0.30 -0.84
N9 BGM A 22 -1.70 1.08 0.41
C8 BGM A 22 -2.77 1.71 0.98
N7 BGM A 22 -2.45 2.37 2.07
C5 BGM A 22 -1.08 2.15 2.22
C4 BGM A 22 -0.61 1.36 1.20
N3 BGM A 22 0.65 0.93 1.00
C2 BGM A 22 1.49 1.35 1.95
N2 BGM A 22 2.78 1.02 1.91
N1 BGM A 22 1.11 2.15 3.00
C6 BGM A 22 -0.19 2.61 3.22
O6 BGM A 22 -0.43 3.33 4.20
C2' BGM A 22 -0.72 0.85 -1.89
C3' BGM A 22 -0.34 -0.40 -2.68
O3' BGM A 22 -1.16 -0.50 -3.85
BR BGM A 22 -4.53 1.67 0.30
H5' BGM A 22 0.24 -3.26 -0.77
H5'' BGM A 22 1.01 -2.80 -2.31
H4' BGM A 22 -1.41 -2.20 -2.20
H1' BGM A 22 -2.68 0.24 -1.26
H21 BGM A 22 3.41 1.35 2.62
H22 BGM A 22 3.13 0.43 1.16
H1 BGM A 22 1.81 2.44 3.67
H2' BGM A 22 0.17 1.25 -1.40
H2'' BGM A 22 -1.33 1.66 -2.29
H3' BGM A 22 0.71 -0.39 -2.94
#